data_6VA1
#
_entry.id   6VA1
#
loop_
_entity.id
_entity.type
_entity.pdbx_description
1 polymer "RNA (5'-R(*CP*CP*GP*GP*CP*AP*GP*UP*GP*UP*G)-3')"
2 polymer "RNA (5'-R(*CP*AP*CP*AP*CP*GP*UP*CP*GP*G)-3')"
#
loop_
_entity_poly.entity_id
_entity_poly.type
_entity_poly.pdbx_seq_one_letter_code
_entity_poly.pdbx_strand_id
1 'polyribonucleotide' CCGGCAGUGUG A
2 'polyribonucleotide' CACACGUCGG B
#